data_7OQX
#
_entry.id   7OQX
#
_cell.length_a   69.800
_cell.length_b   69.800
_cell.length_c   290.850
_cell.angle_alpha   90.000
_cell.angle_beta   90.000
_cell.angle_gamma   90.000
#
_symmetry.space_group_name_H-M   'P 43 21 2'
#
loop_
_entity.id
_entity.type
_entity.pdbx_description
1 polymer 'CCA-adding enzyme'
2 non-polymer "5'-O-[(S)-hydroxy{[(S)-hydroxy(phosphonooxy)phosphoryl]methyl}phosphoryl]cytidine"
3 non-polymer 'PHOSPHATE ION'
4 non-polymer 'ACETATE ION'
5 non-polymer GLYCEROL
6 water water
#
_entity_poly.entity_id   1
_entity_poly.type   'polypeptide(L)'
_entity_poly.pdbx_seq_one_letter_code
;MHHHHHHSSGLVPRGSGMKETAAAKFERQHMDSPDLGTDDDDKMNTAIKVIHTLKAAGFEAYIVGGAVRDLLLGKTPHDV
DVASSALPQQVKVLFDRTVDTGIDHGTVLVLLDGEGIEVTTFRTESSYSDNRRPDSVEFVLSLEEDLRRRDFTINAMAMT
EDLKIIDPFGGKEDLKNKVIRAVGDPDERFEEDALRMLRAIRFSGQLDFIIDMKTLLSIRRHARLIRFIAVERLKSEIDK
IFVNPSMQKSMAYLKDSVLTRFLPVGGLFEVDWITYHTDGNPTYGWLYLLHQQKRQFTDIKDYRFSNEEKRLIEKSLELT
ALNTWDQWTFYKYTLKQLEMASRVTGKKKDLAAIKRQLPIQSRSELAVDGWDLIEWSGAKSGPWLKVWIEKIERLIVYGI
LKNDKELIKDWFEDEYHSHT
;
_entity_poly.pdbx_strand_id   A
#
# COMPACT_ATOMS: atom_id res chain seq x y z
N ASP A 39 18.92 19.52 -2.68
CA ASP A 39 17.51 19.12 -2.66
C ASP A 39 16.57 20.32 -2.65
N ASP A 40 15.28 20.03 -2.57
CA ASP A 40 14.24 21.05 -2.56
C ASP A 40 13.17 20.79 -1.50
N ASP A 41 13.47 19.99 -0.48
CA ASP A 41 12.51 19.73 0.58
C ASP A 41 12.12 21.02 1.29
N ASP A 42 10.86 21.05 1.74
CA ASP A 42 10.36 22.11 2.60
C ASP A 42 9.80 21.57 3.91
N LYS A 43 9.66 20.26 4.06
CA LYS A 43 9.00 19.73 5.25
C LYS A 43 9.81 20.04 6.50
N MET A 44 11.09 19.68 6.52
CA MET A 44 11.91 19.97 7.69
C MET A 44 11.88 21.46 8.03
N ASN A 45 12.05 22.32 7.00
CA ASN A 45 12.00 23.77 7.24
C ASN A 45 10.69 24.18 7.89
N THR A 46 9.58 23.69 7.33
CA THR A 46 8.27 24.02 7.87
C THR A 46 8.15 23.55 9.31
N ALA A 47 8.60 22.32 9.60
CA ALA A 47 8.52 21.81 10.96
C ALA A 47 9.37 22.66 11.91
N ILE A 48 10.54 23.14 11.46
CA ILE A 48 11.36 24.04 12.29
C ILE A 48 10.58 25.31 12.62
N LYS A 49 9.91 25.91 11.61
CA LYS A 49 9.08 27.09 11.88
C LYS A 49 7.96 26.76 12.88
N VAL A 50 7.31 25.61 12.72
CA VAL A 50 6.24 25.24 13.64
C VAL A 50 6.78 25.15 15.06
N ILE A 51 7.92 24.48 15.22
CA ILE A 51 8.54 24.36 16.53
C ILE A 51 8.83 25.75 17.09
N HIS A 52 9.35 26.64 16.25
CA HIS A 52 9.71 27.97 16.72
C HIS A 52 8.48 28.71 17.23
N THR A 53 7.38 28.65 16.48
CA THR A 53 6.15 29.30 16.92
C THR A 53 5.65 28.68 18.22
N LEU A 54 5.75 27.36 18.36
CA LEU A 54 5.27 26.72 19.58
C LEU A 54 6.07 27.19 20.79
N LYS A 55 7.40 27.29 20.62
CA LYS A 55 8.27 27.67 21.72
C LYS A 55 8.15 29.14 22.04
N ALA A 56 7.96 29.98 21.01
CA ALA A 56 7.71 31.39 21.26
C ALA A 56 6.48 31.59 22.14
N ALA A 57 5.53 30.66 22.10
CA ALA A 57 4.34 30.74 22.93
C ALA A 57 4.51 30.03 24.25
N GLY A 58 5.73 29.63 24.61
CA GLY A 58 6.02 29.04 25.90
C GLY A 58 6.00 27.52 25.97
N PHE A 59 5.65 26.84 24.89
CA PHE A 59 5.55 25.39 24.90
C PHE A 59 6.86 24.75 24.47
N GLU A 60 7.01 23.48 24.83
CA GLU A 60 8.17 22.70 24.36
C GLU A 60 7.73 22.06 23.05
N ALA A 61 8.66 21.90 22.11
CA ALA A 61 8.35 21.31 20.80
C ALA A 61 9.61 20.69 20.21
N TYR A 62 9.47 19.54 19.56
CA TYR A 62 10.64 18.81 19.04
C TYR A 62 10.24 18.00 17.80
N ILE A 63 11.19 17.74 16.91
CA ILE A 63 10.92 16.82 15.77
C ILE A 63 10.99 15.44 16.39
N VAL A 64 10.08 14.55 16.03
CA VAL A 64 10.08 13.16 16.57
C VAL A 64 9.79 12.18 15.45
N GLY A 65 9.97 10.89 15.72
CA GLY A 65 9.58 9.86 14.76
C GLY A 65 10.56 9.57 13.66
N GLY A 66 10.04 9.17 12.51
CA GLY A 66 10.89 8.75 11.39
C GLY A 66 11.72 9.87 10.80
N ALA A 67 11.26 11.12 10.91
CA ALA A 67 12.08 12.24 10.41
C ALA A 67 13.45 12.21 11.07
N VAL A 68 13.51 11.92 12.37
CA VAL A 68 14.81 11.92 13.03
C VAL A 68 15.64 10.75 12.53
N ARG A 69 15.03 9.57 12.45
CA ARG A 69 15.71 8.42 11.87
C ARG A 69 16.22 8.74 10.46
N ASP A 70 15.35 9.32 9.63
CA ASP A 70 15.74 9.59 8.24
C ASP A 70 16.88 10.61 8.17
N LEU A 71 16.79 11.70 8.94
CA LEU A 71 17.88 12.66 8.97
C LEU A 71 19.19 11.97 9.36
N LEU A 72 19.16 11.12 10.38
CA LEU A 72 20.40 10.48 10.79
C LEU A 72 20.91 9.50 9.75
N LEU A 73 20.02 8.97 8.91
CA LEU A 73 20.40 8.08 7.81
C LEU A 73 20.82 8.85 6.56
N GLY A 74 20.80 10.18 6.60
CA GLY A 74 21.05 10.96 5.40
C GLY A 74 19.96 10.88 4.35
N LYS A 75 18.73 10.52 4.71
CA LYS A 75 17.60 10.51 3.79
C LYS A 75 16.68 11.69 4.04
N THR A 76 15.92 12.04 3.01
CA THR A 76 14.95 13.12 3.10
C THR A 76 13.65 12.58 3.65
N PRO A 77 13.16 13.08 4.79
CA PRO A 77 11.96 12.48 5.41
C PRO A 77 10.71 12.51 4.52
N HIS A 78 9.93 11.43 4.57
CA HIS A 78 8.62 11.41 3.93
C HIS A 78 7.64 12.31 4.67
N ASP A 79 7.68 12.28 6.00
CA ASP A 79 6.88 13.13 6.84
C ASP A 79 7.72 13.59 8.00
N VAL A 80 7.33 14.72 8.57
CA VAL A 80 7.99 15.24 9.75
C VAL A 80 6.91 15.49 10.80
N ASP A 81 6.95 14.71 11.86
CA ASP A 81 6.04 14.90 12.99
C ASP A 81 6.69 15.81 14.01
N VAL A 82 5.85 16.57 14.72
CA VAL A 82 6.30 17.38 15.84
C VAL A 82 5.57 16.90 17.09
N ALA A 83 6.30 16.73 18.19
CA ALA A 83 5.72 16.47 19.49
C ALA A 83 5.87 17.72 20.35
N SER A 84 4.82 18.03 21.13
CA SER A 84 4.77 19.30 21.85
C SER A 84 4.05 19.14 23.19
N SER A 85 4.42 20.01 24.14
CA SER A 85 3.66 20.10 25.39
C SER A 85 2.34 20.85 25.19
N ALA A 86 2.20 21.60 24.10
CA ALA A 86 0.92 22.22 23.78
C ALA A 86 -0.15 21.15 23.60
N LEU A 87 -1.36 21.46 24.07
CA LEU A 87 -2.54 20.64 23.84
C LEU A 87 -3.19 21.03 22.52
N PRO A 88 -4.02 20.15 21.95
CA PRO A 88 -4.54 20.42 20.58
C PRO A 88 -5.15 21.80 20.41
N GLN A 89 -6.06 22.23 21.31
CA GLN A 89 -6.71 23.53 21.12
C GLN A 89 -5.71 24.66 21.26
N GLN A 90 -4.64 24.46 22.02
CA GLN A 90 -3.60 25.48 22.11
C GLN A 90 -2.80 25.54 20.81
N VAL A 91 -2.61 24.41 20.13
CA VAL A 91 -1.95 24.46 18.82
C VAL A 91 -2.82 25.25 17.84
N LYS A 92 -4.13 25.00 17.86
CA LYS A 92 -5.04 25.67 16.92
C LYS A 92 -5.02 27.18 17.08
N VAL A 93 -4.81 27.66 18.32
CA VAL A 93 -4.70 29.10 18.54
C VAL A 93 -3.51 29.67 17.79
N LEU A 94 -2.42 28.92 17.71
CA LEU A 94 -1.17 29.47 17.19
C LEU A 94 -1.05 29.46 15.67
N PHE A 95 -1.88 28.70 14.96
CA PHE A 95 -1.72 28.51 13.53
C PHE A 95 -3.04 28.77 12.82
N ASP A 96 -2.97 29.49 11.70
CA ASP A 96 -4.18 29.94 11.00
C ASP A 96 -4.93 28.79 10.37
N ARG A 97 -4.23 27.81 9.82
CA ARG A 97 -4.84 26.73 9.05
C ARG A 97 -4.47 25.41 9.68
N THR A 98 -5.45 24.72 10.25
CA THR A 98 -5.24 23.41 10.84
C THR A 98 -6.31 22.46 10.35
N VAL A 99 -6.00 21.17 10.36
CA VAL A 99 -6.97 20.10 10.16
C VAL A 99 -7.07 19.33 11.46
N ASP A 100 -8.31 19.13 11.94
CA ASP A 100 -8.56 18.78 13.33
C ASP A 100 -9.06 17.36 13.52
N THR A 101 -8.94 16.51 12.50
CA THR A 101 -9.59 15.21 12.57
C THR A 101 -9.00 14.33 13.68
N GLY A 102 -7.70 14.47 13.97
CA GLY A 102 -7.05 13.63 14.98
C GLY A 102 -7.00 14.22 16.37
N ILE A 103 -7.82 15.24 16.63
CA ILE A 103 -7.72 15.99 17.89
C ILE A 103 -7.94 15.08 19.08
N ASP A 104 -8.88 14.14 18.98
CA ASP A 104 -9.13 13.19 20.06
C ASP A 104 -7.89 12.40 20.44
N HIS A 105 -7.01 12.14 19.47
CA HIS A 105 -5.75 11.45 19.69
C HIS A 105 -4.63 12.38 20.13
N GLY A 106 -4.90 13.68 20.27
CA GLY A 106 -3.87 14.67 20.54
C GLY A 106 -3.19 15.29 19.34
N THR A 107 -3.68 15.03 18.12
CA THR A 107 -2.99 15.41 16.90
C THR A 107 -3.73 16.52 16.17
N VAL A 108 -3.00 17.57 15.84
CA VAL A 108 -3.48 18.62 14.95
C VAL A 108 -2.52 18.68 13.77
N LEU A 109 -3.08 18.72 12.56
CA LEU A 109 -2.27 18.89 11.36
C LEU A 109 -2.17 20.39 11.08
N VAL A 110 -0.93 20.90 11.05
CA VAL A 110 -0.69 22.32 10.83
C VAL A 110 -0.30 22.51 9.37
N LEU A 111 -1.01 23.42 8.69
CA LEU A 111 -0.80 23.67 7.28
C LEU A 111 -0.06 24.99 7.14
N LEU A 112 1.12 24.93 6.54
CA LEU A 112 2.01 26.09 6.57
C LEU A 112 2.99 25.94 5.41
N ASP A 113 3.19 27.03 4.65
CA ASP A 113 4.17 27.08 3.56
C ASP A 113 3.93 26.01 2.50
N GLY A 114 2.69 25.55 2.36
CA GLY A 114 2.36 24.50 1.42
C GLY A 114 2.63 23.09 1.90
N GLU A 115 3.02 22.89 3.16
CA GLU A 115 3.23 21.57 3.72
C GLU A 115 2.26 21.35 4.88
N GLY A 116 2.11 20.09 5.27
CA GLY A 116 1.33 19.76 6.45
C GLY A 116 2.21 19.10 7.49
N ILE A 117 2.24 19.64 8.71
CA ILE A 117 3.03 19.08 9.81
C ILE A 117 2.07 18.60 10.90
N GLU A 118 2.17 17.32 11.27
CA GLU A 118 1.36 16.79 12.36
C GLU A 118 1.98 17.19 13.69
N VAL A 119 1.23 17.97 14.49
CA VAL A 119 1.64 18.34 15.83
C VAL A 119 0.83 17.54 16.84
N THR A 120 1.51 16.71 17.63
CA THR A 120 0.86 15.84 18.60
C THR A 120 1.35 16.17 20.01
N THR A 121 0.42 16.31 20.94
CA THR A 121 0.80 16.50 22.32
C THR A 121 1.48 15.24 22.83
N PHE A 122 2.39 15.41 23.79
CA PHE A 122 2.96 14.26 24.49
C PHE A 122 1.85 13.32 24.93
N ARG A 123 1.99 12.03 24.61
CA ARG A 123 0.94 11.04 24.84
C ARG A 123 1.54 9.64 24.81
N THR A 124 0.76 8.68 25.30
CA THR A 124 0.94 7.27 25.00
C THR A 124 -0.35 6.71 24.44
N GLU A 125 -0.25 5.68 23.59
CA GLU A 125 -1.41 5.00 23.03
C GLU A 125 -1.65 3.67 23.74
N SER A 126 -2.82 3.07 23.47
CA SER A 126 -3.24 1.84 24.17
C SER A 126 -3.88 0.80 23.25
N VAL A 137 -5.94 6.42 24.57
CA VAL A 137 -4.91 7.45 24.51
C VAL A 137 -4.84 8.27 25.81
N GLU A 138 -3.63 8.47 26.33
CA GLU A 138 -3.38 9.21 27.56
C GLU A 138 -2.39 10.32 27.31
N PHE A 139 -2.79 11.56 27.54
CA PHE A 139 -1.85 12.67 27.46
C PHE A 139 -0.89 12.59 28.63
N VAL A 140 0.37 12.94 28.40
CA VAL A 140 1.39 12.97 29.45
C VAL A 140 2.06 14.32 29.42
N LEU A 141 2.90 14.57 30.43
CA LEU A 141 3.40 15.92 30.66
C LEU A 141 4.84 16.11 30.22
N SER A 142 5.56 15.04 29.85
CA SER A 142 6.96 15.17 29.45
C SER A 142 7.24 14.42 28.15
N LEU A 143 8.34 14.81 27.49
CA LEU A 143 8.75 14.17 26.24
C LEU A 143 9.16 12.72 26.48
N GLU A 144 9.92 12.47 27.53
CA GLU A 144 10.43 11.13 27.77
C GLU A 144 9.30 10.14 28.03
N GLU A 145 8.26 10.56 28.74
CA GLU A 145 7.08 9.71 28.92
C GLU A 145 6.49 9.33 27.56
N ASP A 146 6.51 10.26 26.59
CA ASP A 146 6.00 9.96 25.25
C ASP A 146 6.92 8.99 24.52
N LEU A 147 8.24 9.26 24.57
CA LEU A 147 9.21 8.46 23.82
C LEU A 147 9.31 7.04 24.35
N ARG A 148 9.07 6.82 25.65
CA ARG A 148 9.41 5.52 26.19
C ARG A 148 8.37 4.46 25.84
N ARG A 149 7.27 4.85 25.21
CA ARG A 149 6.26 3.89 24.78
C ARG A 149 6.19 3.74 23.26
N ARG A 150 7.15 4.28 22.52
CA ARG A 150 7.14 4.14 21.07
C ARG A 150 7.70 2.76 20.70
N ASP A 151 7.58 2.38 19.42
CA ASP A 151 7.83 0.98 19.07
C ASP A 151 9.32 0.61 19.12
N PHE A 152 10.17 1.32 18.37
CA PHE A 152 11.57 0.94 18.23
C PHE A 152 12.49 2.13 18.51
N THR A 153 13.72 1.80 18.93
CA THR A 153 14.60 2.86 19.42
C THR A 153 14.92 3.87 18.33
N ILE A 154 15.09 3.42 17.08
CA ILE A 154 15.36 4.35 15.99
C ILE A 154 14.16 5.26 15.72
N ASN A 155 12.96 4.87 16.17
CA ASN A 155 11.76 5.69 16.05
C ASN A 155 11.41 6.45 17.32
N ALA A 156 12.24 6.33 18.36
CA ALA A 156 11.96 6.93 19.66
C ALA A 156 12.94 8.04 19.98
N MET A 157 13.47 8.73 18.97
CA MET A 157 14.36 9.85 19.19
C MET A 157 13.64 11.17 18.95
N ALA A 158 14.23 12.25 19.45
CA ALA A 158 13.71 13.58 19.18
C ALA A 158 14.86 14.48 18.80
N MET A 159 14.53 15.57 18.09
CA MET A 159 15.53 16.57 17.76
C MET A 159 15.01 17.96 18.08
N THR A 160 15.86 18.78 18.69
CA THR A 160 15.44 20.12 19.01
C THR A 160 15.61 21.05 17.79
N GLU A 161 15.03 22.24 17.93
CA GLU A 161 15.24 23.34 17.00
C GLU A 161 16.72 23.57 16.70
N ASP A 162 17.60 23.35 17.67
CA ASP A 162 19.03 23.59 17.47
C ASP A 162 19.79 22.33 17.10
N LEU A 163 19.10 21.30 16.59
CA LEU A 163 19.71 20.09 16.03
C LEU A 163 20.26 19.15 17.10
N LYS A 164 19.92 19.34 18.36
CA LYS A 164 20.37 18.40 19.38
C LYS A 164 19.46 17.17 19.37
N ILE A 165 20.07 16.00 19.40
CA ILE A 165 19.32 14.75 19.44
C ILE A 165 19.08 14.37 20.89
N ILE A 166 17.82 14.10 21.22
CA ILE A 166 17.47 13.53 22.52
C ILE A 166 17.20 12.05 22.29
N ASP A 167 18.03 11.19 22.86
CA ASP A 167 18.02 9.76 22.53
C ASP A 167 18.16 8.92 23.79
N PRO A 168 17.13 8.89 24.63
CA PRO A 168 17.23 8.16 25.90
C PRO A 168 17.39 6.65 25.77
N PHE A 169 17.08 6.03 24.63
CA PHE A 169 17.09 4.57 24.55
C PHE A 169 18.07 4.03 23.50
N GLY A 170 19.09 4.79 23.14
CA GLY A 170 20.13 4.24 22.28
C GLY A 170 19.72 4.11 20.85
N GLY A 171 18.79 4.95 20.39
CA GLY A 171 18.39 4.91 18.99
C GLY A 171 19.55 5.16 18.05
N LYS A 172 20.49 6.04 18.44
CA LYS A 172 21.58 6.39 17.53
C LYS A 172 22.52 5.22 17.32
N GLU A 173 22.85 4.48 18.41
CA GLU A 173 23.70 3.31 18.28
C GLU A 173 23.01 2.22 17.45
N ASP A 174 21.71 1.99 17.66
CA ASP A 174 21.02 0.98 16.86
C ASP A 174 20.95 1.40 15.40
N LEU A 175 20.73 2.70 15.15
CA LEU A 175 20.71 3.17 13.78
C LEU A 175 22.04 2.90 13.10
N LYS A 176 23.14 3.23 13.78
CA LYS A 176 24.48 3.00 13.24
C LYS A 176 24.74 1.52 13.00
N ASN A 177 24.28 0.66 13.90
CA ASN A 177 24.45 -0.78 13.72
C ASN A 177 23.37 -1.43 12.85
N LYS A 178 22.39 -0.67 12.38
CA LYS A 178 21.33 -1.21 11.49
C LYS A 178 20.49 -2.26 12.21
N VAL A 179 19.99 -1.89 13.39
CA VAL A 179 19.26 -2.81 14.24
C VAL A 179 17.90 -2.19 14.58
N ILE A 180 16.85 -2.95 14.29
CA ILE A 180 15.49 -2.64 14.74
C ILE A 180 15.30 -3.32 16.08
N ARG A 181 15.18 -2.52 17.14
CA ARG A 181 15.11 -3.01 18.52
C ARG A 181 13.94 -2.32 19.21
N ALA A 182 13.09 -3.09 19.87
CA ALA A 182 11.97 -2.47 20.60
C ALA A 182 12.50 -1.55 21.71
N VAL A 183 11.74 -0.49 21.97
CA VAL A 183 12.01 0.37 23.10
C VAL A 183 11.74 -0.38 24.40
N GLY A 184 12.75 -0.46 25.26
CA GLY A 184 12.51 -1.03 26.58
C GLY A 184 12.13 -2.50 26.49
N ASP A 185 11.06 -2.89 27.17
CA ASP A 185 10.70 -4.30 27.18
C ASP A 185 9.92 -4.66 25.92
N PRO A 186 10.46 -5.46 25.01
CA PRO A 186 9.71 -5.78 23.79
C PRO A 186 8.35 -6.39 24.08
N ASP A 187 8.26 -7.30 25.06
CA ASP A 187 6.96 -7.86 25.41
C ASP A 187 5.94 -6.76 25.65
N GLU A 188 6.36 -5.68 26.30
CA GLU A 188 5.43 -4.58 26.58
C GLU A 188 4.99 -3.88 25.30
N ARG A 189 5.96 -3.52 24.45
CA ARG A 189 5.65 -2.79 23.23
C ARG A 189 4.69 -3.58 22.36
N PHE A 190 4.90 -4.90 22.26
CA PHE A 190 4.04 -5.70 21.39
C PHE A 190 2.68 -5.98 22.01
N GLU A 191 2.58 -5.99 23.34
CA GLU A 191 1.24 -6.09 23.94
C GLU A 191 0.47 -4.79 23.75
N GLU A 192 1.17 -3.64 23.80
CA GLU A 192 0.49 -2.36 23.59
C GLU A 192 -0.13 -2.28 22.19
N ASP A 193 0.55 -2.84 21.18
CA ASP A 193 0.01 -2.78 19.81
C ASP A 193 0.68 -3.90 19.01
N ALA A 194 -0.02 -5.03 18.87
CA ALA A 194 0.57 -6.19 18.22
C ALA A 194 0.98 -5.90 16.79
N LEU A 195 0.40 -4.88 16.15
CA LEU A 195 0.83 -4.55 14.79
C LEU A 195 2.31 -4.21 14.74
N ARG A 196 2.89 -3.76 15.87
CA ARG A 196 4.31 -3.43 15.86
C ARG A 196 5.16 -4.62 15.46
N MET A 197 4.71 -5.81 15.81
CA MET A 197 5.40 -7.02 15.41
C MET A 197 5.59 -7.05 13.91
N LEU A 198 4.51 -6.78 13.18
CA LEU A 198 4.60 -6.77 11.72
C LEU A 198 5.35 -5.53 11.24
N ARG A 199 5.23 -4.40 11.95
CA ARG A 199 6.00 -3.22 11.56
C ARG A 199 7.49 -3.51 11.59
N ALA A 200 7.95 -4.31 12.57
CA ALA A 200 9.37 -4.65 12.62
C ALA A 200 9.79 -5.36 11.35
N ILE A 201 8.97 -6.31 10.87
CA ILE A 201 9.28 -6.98 9.62
C ILE A 201 9.39 -5.96 8.49
N ARG A 202 8.42 -5.04 8.43
CA ARG A 202 8.39 -4.07 7.35
C ARG A 202 9.63 -3.18 7.39
N PHE A 203 10.02 -2.72 8.57
CA PHE A 203 11.18 -1.83 8.64
C PHE A 203 12.46 -2.55 8.21
N SER A 204 12.58 -3.86 8.48
CA SER A 204 13.81 -4.55 8.10
C SER A 204 14.05 -4.46 6.59
N GLY A 205 13.01 -4.63 5.79
CA GLY A 205 13.16 -4.49 4.35
C GLY A 205 13.32 -3.05 3.91
N GLN A 206 12.54 -2.15 4.53
CA GLN A 206 12.56 -0.76 4.09
C GLN A 206 13.89 -0.10 4.40
N LEU A 207 14.54 -0.44 5.51
CA LEU A 207 15.83 0.16 5.85
C LEU A 207 17.00 -0.75 5.57
N ASP A 208 16.77 -2.01 5.19
CA ASP A 208 17.85 -3.00 5.15
C ASP A 208 18.55 -3.12 6.51
N PHE A 209 17.76 -3.29 7.55
CA PHE A 209 18.24 -3.50 8.91
C PHE A 209 17.94 -4.93 9.32
N ILE A 210 18.63 -5.40 10.37
CA ILE A 210 18.21 -6.65 10.98
C ILE A 210 17.27 -6.34 12.14
N ILE A 211 16.53 -7.35 12.57
CA ILE A 211 15.69 -7.26 13.76
C ILE A 211 16.49 -7.75 14.96
N ASP A 212 16.55 -6.92 16.00
CA ASP A 212 17.27 -7.27 17.21
C ASP A 212 16.83 -8.64 17.72
N MET A 213 17.79 -9.46 18.14
CA MET A 213 17.50 -10.86 18.50
C MET A 213 16.45 -10.94 19.61
N LYS A 214 16.68 -10.25 20.74
CA LYS A 214 15.68 -10.26 21.81
C LYS A 214 14.31 -9.82 21.29
N THR A 215 14.28 -8.73 20.52
CA THR A 215 13.02 -8.27 19.95
C THR A 215 12.37 -9.36 19.10
N LEU A 216 13.17 -10.00 18.25
CA LEU A 216 12.64 -11.03 17.35
C LEU A 216 12.09 -12.22 18.14
N LEU A 217 12.81 -12.65 19.18
CA LEU A 217 12.32 -13.75 20.00
C LEU A 217 11.05 -13.34 20.74
N SER A 218 10.92 -12.06 21.09
CA SER A 218 9.67 -11.59 21.68
C SER A 218 8.52 -11.70 20.68
N ILE A 219 8.77 -11.36 19.42
CA ILE A 219 7.72 -11.51 18.41
C ILE A 219 7.28 -12.96 18.30
N ARG A 220 8.26 -13.87 18.28
CA ARG A 220 7.96 -15.30 18.22
C ARG A 220 7.01 -15.68 19.33
N ARG A 221 7.25 -15.17 20.55
CA ARG A 221 6.43 -15.55 21.71
C ARG A 221 5.04 -14.93 21.66
N HIS A 222 4.88 -13.75 21.07
CA HIS A 222 3.61 -13.03 21.10
C HIS A 222 2.90 -12.99 19.75
N ALA A 223 3.36 -13.78 18.77
CA ALA A 223 2.82 -13.72 17.42
C ALA A 223 1.31 -13.96 17.40
N ARG A 224 0.81 -14.78 18.33
CA ARG A 224 -0.62 -15.01 18.43
C ARG A 224 -1.40 -13.71 18.55
N LEU A 225 -0.83 -12.72 19.24
CA LEU A 225 -1.56 -11.48 19.43
C LEU A 225 -1.92 -10.79 18.12
N ILE A 226 -1.32 -11.20 16.99
CA ILE A 226 -1.64 -10.50 15.76
C ILE A 226 -3.10 -10.74 15.39
N ARG A 227 -3.73 -11.77 15.96
CA ARG A 227 -5.10 -12.09 15.62
C ARG A 227 -6.06 -10.99 16.00
N PHE A 228 -5.67 -10.08 16.89
CA PHE A 228 -6.56 -9.02 17.35
C PHE A 228 -6.48 -7.75 16.50
N ILE A 229 -5.64 -7.71 15.50
CA ILE A 229 -5.36 -6.47 14.77
C ILE A 229 -6.28 -6.40 13.56
N ALA A 230 -6.85 -5.21 13.33
CA ALA A 230 -7.75 -5.04 12.19
C ALA A 230 -7.03 -5.46 10.92
N VAL A 231 -7.71 -6.26 10.10
CA VAL A 231 -7.10 -6.75 8.88
C VAL A 231 -6.66 -5.62 7.95
N GLU A 232 -7.29 -4.44 8.05
CA GLU A 232 -6.86 -3.33 7.20
C GLU A 232 -5.46 -2.85 7.57
N ARG A 233 -5.13 -2.85 8.87
CA ARG A 233 -3.77 -2.50 9.29
C ARG A 233 -2.77 -3.55 8.83
N LEU A 234 -3.12 -4.84 8.95
CA LEU A 234 -2.24 -5.89 8.44
C LEU A 234 -1.96 -5.69 6.94
N LYS A 235 -3.02 -5.50 6.14
CA LYS A 235 -2.83 -5.36 4.70
C LYS A 235 -1.95 -4.15 4.36
N SER A 236 -2.17 -3.03 5.05
CA SER A 236 -1.35 -1.85 4.79
C SER A 236 0.14 -2.15 4.98
N GLU A 237 0.49 -2.86 6.06
CA GLU A 237 1.91 -3.18 6.28
C GLU A 237 2.44 -4.15 5.23
N ILE A 238 1.63 -5.15 4.87
CA ILE A 238 2.06 -6.12 3.87
C ILE A 238 2.19 -5.46 2.50
N ASP A 239 1.30 -4.53 2.17
CA ASP A 239 1.43 -3.85 0.88
C ASP A 239 2.75 -3.09 0.81
N LYS A 240 3.18 -2.50 1.93
CA LYS A 240 4.47 -1.83 1.95
C LYS A 240 5.62 -2.82 1.77
N ILE A 241 5.57 -3.95 2.49
CA ILE A 241 6.62 -4.95 2.33
C ILE A 241 6.72 -5.36 0.87
N PHE A 242 5.59 -5.51 0.20
CA PHE A 242 5.61 -6.04 -1.16
C PHE A 242 6.31 -5.11 -2.14
N VAL A 243 6.37 -3.81 -1.86
CA VAL A 243 7.03 -2.87 -2.77
C VAL A 243 8.38 -2.37 -2.24
N ASN A 244 8.78 -2.76 -1.03
CA ASN A 244 10.04 -2.27 -0.47
C ASN A 244 11.21 -3.13 -0.92
N PRO A 245 12.43 -2.62 -0.74
CA PRO A 245 13.62 -3.42 -1.04
C PRO A 245 13.73 -4.60 -0.09
N SER A 246 14.66 -5.49 -0.42
CA SER A 246 15.01 -6.64 0.42
C SER A 246 13.78 -7.41 0.85
N MET A 247 12.80 -7.51 -0.05
CA MET A 247 11.54 -8.10 0.39
C MET A 247 11.69 -9.58 0.68
N GLN A 248 12.66 -10.27 0.07
CA GLN A 248 12.88 -11.68 0.41
C GLN A 248 13.32 -11.83 1.86
N LYS A 249 14.15 -10.90 2.35
CA LYS A 249 14.51 -10.90 3.77
C LYS A 249 13.31 -10.59 4.65
N SER A 250 12.43 -9.67 4.21
CA SER A 250 11.24 -9.40 4.99
C SER A 250 10.36 -10.64 5.08
N MET A 251 10.25 -11.39 3.97
CA MET A 251 9.37 -12.56 3.99
C MET A 251 9.98 -13.67 4.84
N ALA A 252 11.30 -13.81 4.87
CA ALA A 252 11.90 -14.81 5.74
C ALA A 252 11.72 -14.45 7.21
N TYR A 253 11.84 -13.16 7.54
CA TYR A 253 11.51 -12.75 8.90
C TYR A 253 10.05 -13.01 9.25
N LEU A 254 9.15 -12.80 8.28
CA LEU A 254 7.73 -13.07 8.51
C LEU A 254 7.52 -14.52 8.91
N LYS A 255 8.24 -15.43 8.28
CA LYS A 255 8.15 -16.83 8.63
C LYS A 255 8.90 -17.12 9.92
N ASP A 256 10.17 -16.67 10.02
CA ASP A 256 10.97 -16.95 11.22
C ASP A 256 10.36 -16.35 12.46
N SER A 257 9.59 -15.27 12.33
CA SER A 257 9.02 -14.62 13.50
C SER A 257 7.78 -15.34 14.01
N VAL A 258 7.32 -16.36 13.29
CA VAL A 258 6.09 -17.10 13.57
C VAL A 258 4.82 -16.33 13.15
N LEU A 259 4.98 -15.12 12.60
CA LEU A 259 3.79 -14.39 12.18
C LEU A 259 3.01 -15.16 11.12
N THR A 260 3.69 -15.87 10.22
CA THR A 260 2.96 -16.60 9.19
C THR A 260 2.10 -17.72 9.77
N ARG A 261 2.38 -18.14 11.00
CA ARG A 261 1.52 -19.15 11.62
C ARG A 261 0.14 -18.57 11.97
N PHE A 262 0.06 -17.28 12.32
CA PHE A 262 -1.18 -16.72 12.85
C PHE A 262 -1.79 -15.59 12.02
N LEU A 263 -1.06 -15.00 11.08
CA LEU A 263 -1.70 -14.07 10.16
C LEU A 263 -2.86 -14.76 9.44
N PRO A 264 -3.91 -14.02 9.08
CA PRO A 264 -4.95 -14.59 8.20
C PRO A 264 -4.30 -15.29 7.01
N VAL A 265 -4.73 -16.53 6.77
CA VAL A 265 -4.09 -17.46 5.82
C VAL A 265 -2.57 -17.26 5.76
N GLY A 266 -1.93 -17.20 6.94
CA GLY A 266 -0.52 -16.85 6.98
C GLY A 266 0.39 -17.82 6.25
N GLY A 267 0.04 -19.11 6.22
CA GLY A 267 0.87 -20.06 5.51
C GLY A 267 1.06 -19.73 4.04
N LEU A 268 0.16 -18.94 3.45
CA LEU A 268 0.29 -18.69 2.02
C LEU A 268 1.45 -17.75 1.70
N PHE A 269 1.95 -16.99 2.68
CA PHE A 269 3.12 -16.14 2.43
C PHE A 269 4.40 -16.93 2.33
N GLU A 270 4.40 -18.22 2.66
CA GLU A 270 5.63 -19.01 2.63
C GLU A 270 5.82 -19.65 1.25
N VAL A 271 6.06 -18.81 0.27
CA VAL A 271 6.34 -19.25 -1.08
C VAL A 271 7.78 -18.86 -1.40
N ASP A 272 8.29 -19.40 -2.50
CA ASP A 272 9.60 -18.99 -2.97
C ASP A 272 9.48 -17.60 -3.59
N TRP A 273 10.15 -16.62 -2.99
CA TRP A 273 10.07 -15.23 -3.39
C TRP A 273 11.24 -14.79 -4.25
N ILE A 274 12.11 -15.73 -4.65
CA ILE A 274 13.36 -15.33 -5.31
C ILE A 274 13.08 -14.65 -6.64
N THR A 275 12.16 -15.18 -7.44
CA THR A 275 11.89 -14.61 -8.75
C THR A 275 10.87 -13.47 -8.74
N TYR A 276 10.53 -12.92 -7.57
CA TYR A 276 9.62 -11.77 -7.48
C TYR A 276 10.39 -10.47 -7.57
N HIS A 277 9.93 -9.57 -8.43
CA HIS A 277 10.51 -8.24 -8.55
C HIS A 277 9.36 -7.26 -8.64
N THR A 278 9.21 -6.42 -7.63
CA THR A 278 8.07 -5.52 -7.55
C THR A 278 7.99 -4.62 -8.78
N ASP A 279 6.77 -4.30 -9.18
CA ASP A 279 6.48 -3.29 -10.20
C ASP A 279 6.01 -1.98 -9.59
N GLY A 280 6.20 -1.79 -8.29
CA GLY A 280 5.70 -0.62 -7.61
C GLY A 280 4.26 -0.70 -7.15
N ASN A 281 3.55 -1.75 -7.54
CA ASN A 281 2.16 -1.94 -7.19
C ASN A 281 2.08 -3.11 -6.20
N PRO A 282 1.59 -2.90 -4.97
CA PRO A 282 1.53 -4.01 -4.01
C PRO A 282 0.66 -5.16 -4.51
N THR A 283 -0.33 -4.85 -5.35
CA THR A 283 -1.21 -5.87 -5.88
C THR A 283 -0.43 -6.99 -6.55
N TYR A 284 0.70 -6.66 -7.17
CA TYR A 284 1.50 -7.69 -7.83
C TYR A 284 2.09 -8.69 -6.84
N GLY A 285 2.36 -8.27 -5.60
CA GLY A 285 2.77 -9.24 -4.59
C GLY A 285 1.70 -10.27 -4.29
N TRP A 286 0.44 -9.81 -4.20
CA TRP A 286 -0.65 -10.75 -3.92
C TRP A 286 -0.87 -11.70 -5.09
N LEU A 287 -0.74 -11.20 -6.32
CA LEU A 287 -0.92 -12.06 -7.49
C LEU A 287 0.23 -13.05 -7.60
N TYR A 288 1.46 -12.59 -7.41
CA TYR A 288 2.61 -13.50 -7.40
C TYR A 288 2.41 -14.63 -6.40
N LEU A 289 1.93 -14.22 -5.17
CA LEU A 289 1.71 -15.20 -4.08
C LEU A 289 0.75 -16.28 -4.58
N LEU A 290 -0.38 -15.91 -5.08
CA LEU A 290 -1.38 -16.86 -5.54
C LEU A 290 -0.85 -17.71 -6.69
N HIS A 291 -0.26 -17.07 -7.70
CA HIS A 291 0.21 -17.79 -8.88
C HIS A 291 1.24 -18.87 -8.53
N GLN A 292 2.18 -18.55 -7.63
CA GLN A 292 3.19 -19.52 -7.24
C GLN A 292 2.56 -20.77 -6.64
N GLN A 293 1.42 -20.63 -5.99
CA GLN A 293 0.78 -21.73 -5.30
C GLN A 293 -0.37 -22.33 -6.09
N LYS A 294 -0.65 -21.81 -7.27
CA LYS A 294 -1.82 -22.24 -8.05
C LYS A 294 -3.09 -22.11 -7.19
N ARG A 295 -3.26 -20.96 -6.55
CA ARG A 295 -4.45 -20.68 -5.76
C ARG A 295 -5.21 -19.53 -6.39
N GLN A 296 -6.46 -19.39 -5.95
CA GLN A 296 -7.40 -18.41 -6.49
C GLN A 296 -7.62 -17.29 -5.50
N PHE A 297 -8.23 -16.21 -5.99
CA PHE A 297 -8.38 -15.00 -5.17
C PHE A 297 -9.13 -15.28 -3.88
N THR A 298 -10.09 -16.19 -3.89
CA THR A 298 -10.92 -16.40 -2.71
C THR A 298 -10.06 -16.78 -1.49
N ASP A 299 -8.90 -17.40 -1.71
CA ASP A 299 -8.05 -17.78 -0.59
C ASP A 299 -7.44 -16.59 0.17
N ILE A 300 -7.39 -15.38 -0.42
CA ILE A 300 -6.84 -14.22 0.26
C ILE A 300 -7.92 -13.20 0.58
N LYS A 301 -9.19 -13.54 0.43
CA LYS A 301 -10.20 -12.51 0.52
C LYS A 301 -10.39 -11.96 1.94
N ASP A 302 -9.87 -12.64 2.96
CA ASP A 302 -9.87 -12.09 4.32
C ASP A 302 -9.23 -10.71 4.39
N TYR A 303 -8.32 -10.39 3.47
CA TYR A 303 -7.61 -9.13 3.55
C TYR A 303 -8.45 -7.95 3.06
N ARG A 304 -9.66 -8.19 2.56
CA ARG A 304 -10.63 -7.12 2.28
C ARG A 304 -10.11 -6.16 1.19
N PHE A 305 -9.84 -6.74 0.02
CA PHE A 305 -9.47 -5.96 -1.15
C PHE A 305 -10.64 -5.13 -1.65
N SER A 306 -10.34 -4.00 -2.27
CA SER A 306 -11.34 -3.27 -3.03
C SER A 306 -11.79 -4.09 -4.25
N ASN A 307 -12.94 -3.71 -4.81
CA ASN A 307 -13.46 -4.42 -5.96
C ASN A 307 -12.49 -4.36 -7.13
N GLU A 308 -11.92 -3.18 -7.40
CA GLU A 308 -10.99 -3.06 -8.51
C GLU A 308 -9.72 -3.89 -8.26
N GLU A 309 -9.22 -3.90 -7.03
CA GLU A 309 -8.05 -4.72 -6.72
C GLU A 309 -8.33 -6.19 -6.98
N LYS A 310 -9.44 -6.67 -6.42
CA LYS A 310 -9.87 -8.05 -6.62
C LYS A 310 -10.00 -8.37 -8.09
N ARG A 311 -10.64 -7.48 -8.84
CA ARG A 311 -10.81 -7.71 -10.27
C ARG A 311 -9.45 -7.81 -10.97
N LEU A 312 -8.52 -6.91 -10.60
CA LEU A 312 -7.20 -6.95 -11.22
C LEU A 312 -6.51 -8.28 -10.94
N ILE A 313 -6.64 -8.80 -9.72
CA ILE A 313 -6.04 -10.09 -9.39
C ILE A 313 -6.74 -11.21 -10.14
N GLU A 314 -8.08 -11.22 -10.11
CA GLU A 314 -8.82 -12.32 -10.74
C GLU A 314 -8.61 -12.36 -12.24
N LYS A 315 -8.63 -11.20 -12.91
CA LYS A 315 -8.43 -11.17 -14.35
C LYS A 315 -7.01 -11.58 -14.72
N SER A 316 -6.03 -11.16 -13.92
CA SER A 316 -4.66 -11.54 -14.23
C SER A 316 -4.49 -13.05 -14.11
N LEU A 317 -5.09 -13.63 -13.07
CA LEU A 317 -5.04 -15.07 -12.91
C LEU A 317 -5.66 -15.78 -14.11
N GLU A 318 -6.81 -15.29 -14.60
CA GLU A 318 -7.40 -15.87 -15.80
C GLU A 318 -6.41 -15.86 -16.95
N LEU A 319 -5.76 -14.71 -17.17
CA LEU A 319 -4.81 -14.58 -18.27
C LEU A 319 -3.70 -15.61 -18.15
N THR A 320 -3.20 -15.85 -16.92
CA THR A 320 -2.13 -16.82 -16.76
C THR A 320 -2.60 -18.24 -17.02
N ALA A 321 -3.90 -18.48 -16.91
CA ALA A 321 -4.47 -19.79 -17.19
C ALA A 321 -4.86 -19.96 -18.66
N LEU A 322 -4.78 -18.92 -19.47
CA LEU A 322 -5.20 -19.00 -20.86
C LEU A 322 -4.01 -19.37 -21.73
N ASN A 323 -4.15 -20.46 -22.51
CA ASN A 323 -3.01 -21.02 -23.21
C ASN A 323 -2.40 -20.01 -24.18
N THR A 324 -3.20 -19.48 -25.12
CA THR A 324 -2.68 -18.56 -26.12
C THR A 324 -3.55 -17.32 -26.19
N TRP A 325 -2.91 -16.15 -26.22
CA TRP A 325 -3.60 -14.87 -26.26
C TRP A 325 -3.69 -14.40 -27.71
N ASP A 326 -4.86 -13.91 -28.10
CA ASP A 326 -5.03 -13.36 -29.42
C ASP A 326 -5.69 -11.99 -29.32
N GLN A 327 -6.24 -11.53 -30.44
CA GLN A 327 -6.77 -10.17 -30.50
C GLN A 327 -7.88 -9.95 -29.50
N TRP A 328 -8.80 -10.92 -29.40
CA TRP A 328 -9.92 -10.81 -28.47
C TRP A 328 -9.42 -10.73 -27.03
N THR A 329 -8.39 -11.50 -26.70
CA THR A 329 -7.76 -11.39 -25.39
C THR A 329 -7.30 -9.97 -25.12
N PHE A 330 -6.52 -9.41 -26.05
CA PHE A 330 -5.99 -8.06 -25.86
C PHE A 330 -7.11 -7.02 -25.88
N TYR A 331 -8.23 -7.35 -26.52
CA TYR A 331 -9.38 -6.43 -26.53
C TYR A 331 -10.12 -6.44 -25.19
N LYS A 332 -10.42 -7.63 -24.66
CA LYS A 332 -11.34 -7.72 -23.52
C LYS A 332 -10.66 -7.40 -22.19
N TYR A 333 -9.36 -7.65 -22.06
CA TYR A 333 -8.63 -7.41 -20.81
C TYR A 333 -7.93 -6.06 -20.84
N THR A 334 -7.78 -5.44 -19.65
CA THR A 334 -7.06 -4.18 -19.56
C THR A 334 -5.56 -4.39 -19.75
N LEU A 335 -4.89 -3.33 -20.22
CA LEU A 335 -3.43 -3.37 -20.32
C LEU A 335 -2.82 -3.78 -18.98
N LYS A 336 -3.31 -3.20 -17.89
CA LYS A 336 -2.75 -3.48 -16.58
C LYS A 336 -2.85 -4.96 -16.24
N GLN A 337 -3.95 -5.60 -16.60
CA GLN A 337 -4.06 -7.04 -16.37
C GLN A 337 -3.13 -7.82 -17.27
N LEU A 338 -3.08 -7.48 -18.56
CA LEU A 338 -2.17 -8.16 -19.48
C LEU A 338 -0.73 -8.04 -19.00
N GLU A 339 -0.33 -6.85 -18.56
CA GLU A 339 1.05 -6.65 -18.12
C GLU A 339 1.33 -7.40 -16.83
N MET A 340 0.39 -7.43 -15.89
CA MET A 340 0.66 -8.17 -14.67
C MET A 340 0.73 -9.67 -14.92
N ALA A 341 -0.18 -10.20 -15.73
CA ALA A 341 -0.07 -11.61 -16.09
C ALA A 341 1.23 -11.90 -16.81
N SER A 342 1.63 -11.04 -17.75
CA SER A 342 2.91 -11.26 -18.42
C SER A 342 4.05 -11.25 -17.42
N ARG A 343 4.01 -10.31 -16.48
CA ARG A 343 5.07 -10.19 -15.50
C ARG A 343 5.19 -11.48 -14.70
N VAL A 344 4.07 -12.02 -14.24
CA VAL A 344 4.13 -13.16 -13.33
C VAL A 344 4.44 -14.46 -14.06
N THR A 345 4.20 -14.55 -15.36
CA THR A 345 4.58 -15.74 -16.12
C THR A 345 5.93 -15.59 -16.82
N GLY A 346 6.53 -14.40 -16.82
CA GLY A 346 7.83 -14.20 -17.41
C GLY A 346 7.86 -13.75 -18.87
N LYS A 347 6.71 -13.48 -19.48
CA LYS A 347 6.70 -12.94 -20.83
C LYS A 347 7.21 -11.49 -20.84
N LYS A 348 7.61 -11.02 -22.02
CA LYS A 348 8.07 -9.64 -22.13
C LYS A 348 7.53 -8.94 -23.38
N LYS A 349 6.44 -9.43 -23.97
CA LYS A 349 5.93 -8.85 -25.20
C LYS A 349 5.67 -7.35 -25.05
N ASP A 350 5.54 -6.64 -26.18
CA ASP A 350 5.17 -5.22 -26.17
C ASP A 350 3.65 -5.16 -26.14
N LEU A 351 3.10 -5.34 -24.93
CA LEU A 351 1.66 -5.49 -24.79
C LEU A 351 0.91 -4.26 -25.26
N ALA A 352 1.40 -3.07 -24.90
CA ALA A 352 0.69 -1.85 -25.22
C ALA A 352 0.50 -1.68 -26.73
N ALA A 353 1.52 -2.00 -27.52
CA ALA A 353 1.42 -1.82 -28.97
C ALA A 353 0.40 -2.76 -29.58
N ILE A 354 0.34 -4.01 -29.11
CA ILE A 354 -0.65 -4.95 -29.64
C ILE A 354 -2.07 -4.45 -29.33
N LYS A 355 -2.31 -3.98 -28.11
CA LYS A 355 -3.63 -3.49 -27.76
C LYS A 355 -4.00 -2.25 -28.58
N ARG A 356 -3.04 -1.32 -28.72
CA ARG A 356 -3.28 -0.08 -29.46
C ARG A 356 -3.62 -0.34 -30.92
N GLN A 357 -3.08 -1.40 -31.50
CA GLN A 357 -3.21 -1.63 -32.93
C GLN A 357 -4.45 -2.45 -33.31
N LEU A 358 -5.32 -2.73 -32.35
CA LEU A 358 -6.56 -3.41 -32.65
C LEU A 358 -7.46 -2.47 -33.44
N PRO A 359 -8.45 -3.01 -34.16
CA PRO A 359 -9.33 -2.12 -34.94
C PRO A 359 -10.16 -1.17 -34.07
N ILE A 360 -10.65 -1.60 -32.93
CA ILE A 360 -11.31 -0.71 -31.98
C ILE A 360 -10.71 -0.96 -30.61
N GLN A 361 -10.98 -0.05 -29.69
CA GLN A 361 -10.55 -0.20 -28.31
C GLN A 361 -11.64 -0.70 -27.37
N SER A 362 -12.90 -0.34 -27.59
CA SER A 362 -13.96 -0.75 -26.68
C SER A 362 -15.31 -0.72 -27.35
N ARG A 363 -16.31 -1.26 -26.64
CA ARG A 363 -17.65 -1.44 -27.17
C ARG A 363 -18.30 -0.12 -27.60
N SER A 364 -17.94 0.99 -26.96
CA SER A 364 -18.57 2.26 -27.33
C SER A 364 -18.23 2.66 -28.76
N GLU A 365 -17.17 2.12 -29.35
CA GLU A 365 -16.88 2.43 -30.75
C GLU A 365 -17.71 1.63 -31.74
N LEU A 366 -18.42 0.59 -31.29
CA LEU A 366 -19.10 -0.30 -32.25
C LEU A 366 -20.14 0.48 -33.04
N ALA A 367 -20.17 0.28 -34.35
CA ALA A 367 -21.07 1.05 -35.22
C ALA A 367 -22.52 0.56 -35.18
N VAL A 368 -22.86 -0.31 -34.24
CA VAL A 368 -24.17 -0.95 -34.22
C VAL A 368 -24.53 -1.18 -32.76
N ASP A 369 -25.83 -1.20 -32.44
CA ASP A 369 -26.25 -1.55 -31.10
C ASP A 369 -27.53 -2.39 -31.19
N GLY A 370 -28.06 -2.77 -30.02
CA GLY A 370 -29.17 -3.69 -29.97
C GLY A 370 -30.39 -3.20 -30.72
N TRP A 371 -30.61 -1.90 -30.74
CA TRP A 371 -31.77 -1.37 -31.43
C TRP A 371 -31.62 -1.41 -32.94
N ASP A 372 -30.39 -1.42 -33.48
CA ASP A 372 -30.27 -1.71 -34.91
C ASP A 372 -30.65 -3.15 -35.20
N LEU A 373 -30.29 -4.08 -34.29
CA LEU A 373 -30.64 -5.48 -34.51
C LEU A 373 -32.15 -5.70 -34.41
N ILE A 374 -32.81 -5.01 -33.48
CA ILE A 374 -34.26 -5.10 -33.39
C ILE A 374 -34.90 -4.65 -34.69
N GLU A 375 -34.41 -3.55 -35.27
CA GLU A 375 -34.95 -3.08 -36.54
C GLU A 375 -34.76 -4.13 -37.64
N TRP A 376 -33.52 -4.59 -37.83
CA TRP A 376 -33.23 -5.48 -38.96
C TRP A 376 -33.87 -6.84 -38.78
N SER A 377 -33.90 -7.34 -37.54
CA SER A 377 -34.45 -8.66 -37.29
C SER A 377 -35.96 -8.69 -37.36
N GLY A 378 -36.61 -7.58 -37.00
CA GLY A 378 -38.05 -7.64 -36.78
C GLY A 378 -38.46 -8.35 -35.49
N ALA A 379 -37.51 -8.68 -34.62
CA ALA A 379 -37.81 -9.39 -33.38
C ALA A 379 -37.76 -8.46 -32.17
N LYS A 380 -38.52 -8.81 -31.13
CA LYS A 380 -38.60 -7.98 -29.93
C LYS A 380 -37.29 -8.04 -29.15
N SER A 381 -37.02 -6.98 -28.39
CA SER A 381 -35.80 -6.94 -27.60
C SER A 381 -35.78 -8.11 -26.60
N GLY A 382 -34.59 -8.67 -26.39
CA GLY A 382 -34.40 -9.77 -25.48
C GLY A 382 -32.92 -10.07 -25.30
N PRO A 383 -32.62 -11.00 -24.40
CA PRO A 383 -31.20 -11.36 -24.18
C PRO A 383 -30.48 -11.78 -25.46
N TRP A 384 -31.19 -12.21 -26.50
CA TRP A 384 -30.49 -12.60 -27.73
C TRP A 384 -29.62 -11.48 -28.27
N LEU A 385 -29.98 -10.22 -28.02
CA LEU A 385 -29.22 -9.09 -28.53
C LEU A 385 -27.75 -9.15 -28.13
N LYS A 386 -27.48 -9.41 -26.85
CA LYS A 386 -26.10 -9.42 -26.39
C LYS A 386 -25.31 -10.51 -27.10
N VAL A 387 -25.95 -11.65 -27.33
CA VAL A 387 -25.28 -12.72 -28.09
C VAL A 387 -24.87 -12.21 -29.45
N TRP A 388 -25.80 -11.60 -30.17
CA TRP A 388 -25.50 -11.21 -31.54
C TRP A 388 -24.57 -10.00 -31.59
N ILE A 389 -24.72 -9.05 -30.65
CA ILE A 389 -23.79 -7.94 -30.61
C ILE A 389 -22.36 -8.46 -30.43
N GLU A 390 -22.18 -9.44 -29.55
CA GLU A 390 -20.84 -9.99 -29.34
C GLU A 390 -20.31 -10.69 -30.59
N LYS A 391 -21.14 -11.46 -31.29
CA LYS A 391 -20.66 -12.02 -32.57
C LYS A 391 -20.11 -10.92 -33.47
N ILE A 392 -20.88 -9.84 -33.64
CA ILE A 392 -20.44 -8.74 -34.49
C ILE A 392 -19.15 -8.14 -33.95
N GLU A 393 -19.10 -7.93 -32.65
CA GLU A 393 -17.93 -7.33 -32.02
C GLU A 393 -16.66 -8.14 -32.32
N ARG A 394 -16.75 -9.46 -32.16
CA ARG A 394 -15.59 -10.30 -32.43
C ARG A 394 -15.10 -10.11 -33.85
N LEU A 395 -16.02 -10.13 -34.80
CA LEU A 395 -15.63 -9.99 -36.19
C LEU A 395 -14.96 -8.65 -36.45
N ILE A 396 -15.38 -7.59 -35.76
CA ILE A 396 -14.72 -6.30 -35.92
C ILE A 396 -13.34 -6.33 -35.27
N VAL A 397 -13.24 -6.93 -34.09
CA VAL A 397 -11.97 -6.91 -33.38
C VAL A 397 -10.93 -7.72 -34.13
N TYR A 398 -11.33 -8.80 -34.81
CA TYR A 398 -10.41 -9.56 -35.61
C TYR A 398 -10.18 -8.95 -37.00
N GLY A 399 -10.74 -7.79 -37.27
CA GLY A 399 -10.53 -7.13 -38.55
C GLY A 399 -11.11 -7.87 -39.72
N ILE A 400 -12.16 -8.66 -39.51
CA ILE A 400 -12.84 -9.35 -40.59
C ILE A 400 -14.01 -8.54 -41.12
N LEU A 401 -14.81 -7.98 -40.22
CA LEU A 401 -15.97 -7.17 -40.58
C LEU A 401 -15.63 -5.71 -40.35
N LYS A 402 -15.96 -4.86 -41.31
CA LYS A 402 -15.70 -3.44 -41.13
C LYS A 402 -16.65 -2.88 -40.09
N ASN A 403 -16.13 -2.01 -39.23
CA ASN A 403 -16.95 -1.34 -38.22
C ASN A 403 -17.79 -0.26 -38.91
N ASP A 404 -18.77 -0.71 -39.68
CA ASP A 404 -19.58 0.15 -40.54
C ASP A 404 -21.02 -0.34 -40.54
N LYS A 405 -21.95 0.53 -40.16
CA LYS A 405 -23.34 0.14 -39.93
C LYS A 405 -23.91 -0.63 -41.11
N GLU A 406 -23.75 -0.09 -42.31
CA GLU A 406 -24.38 -0.69 -43.47
C GLU A 406 -23.78 -2.07 -43.76
N LEU A 407 -22.47 -2.22 -43.58
CA LEU A 407 -21.85 -3.50 -43.86
C LEU A 407 -22.18 -4.52 -42.76
N ILE A 408 -22.25 -4.06 -41.51
CA ILE A 408 -22.72 -4.96 -40.45
C ILE A 408 -24.15 -5.42 -40.76
N LYS A 409 -25.00 -4.49 -41.20
CA LYS A 409 -26.37 -4.86 -41.59
C LYS A 409 -26.37 -5.98 -42.63
N ASP A 410 -25.52 -5.85 -43.66
CA ASP A 410 -25.40 -6.91 -44.66
C ASP A 410 -25.05 -8.23 -44.01
N TRP A 411 -23.98 -8.25 -43.22
CA TRP A 411 -23.61 -9.49 -42.54
C TRP A 411 -24.78 -10.03 -41.73
N PHE A 412 -25.42 -9.18 -40.95
CA PHE A 412 -26.48 -9.65 -40.05
C PHE A 412 -27.66 -10.22 -40.84
N GLU A 413 -28.15 -9.48 -41.84
CA GLU A 413 -29.30 -9.98 -42.58
C GLU A 413 -28.98 -11.31 -43.24
N ASP A 414 -27.71 -11.54 -43.59
CA ASP A 414 -27.29 -12.80 -44.17
C ASP A 414 -27.14 -13.89 -43.10
N GLU A 415 -26.65 -13.54 -41.91
CA GLU A 415 -26.40 -14.55 -40.89
C GLU A 415 -27.67 -14.93 -40.11
N TYR A 416 -28.57 -13.98 -39.89
CA TYR A 416 -29.79 -14.20 -39.11
C TYR A 416 -30.91 -14.83 -39.92
#